data_2GEX
#
_entry.id   2GEX
#
_cell.length_a   90.008
_cell.length_b   90.008
_cell.length_c   116.707
_cell.angle_alpha   90.00
_cell.angle_beta   90.00
_cell.angle_gamma   120.00
#
_symmetry.space_group_name_H-M   'P 32 2 1'
#
loop_
_entity.id
_entity.type
_entity.pdbx_description
1 polymer SnoL
2 water water
#
_entity_poly.entity_id   1
_entity_poly.type   'polypeptide(L)'
_entity_poly.pdbx_seq_one_letter_code
;(MSE)STTANKERCLE(MSE)VAAWNRWDVSGVVAHWAPDVVHYDDEDKPVSAEEVVRR(MSE)NSAVEAFPDLRLDVRS
IVGEGDRV(MSE)LRITCSATHQGVF(MSE)GIAPTGRKVRWTYLEELRFSEAGKVVEHWDVFNFSPLFRDLGVVPDGLK
LAAALEHHHHHH
;
_entity_poly.pdbx_strand_id   A,B
#
# COMPACT_ATOMS: atom_id res chain seq x y z
N SER A 2 24.31 1.65 -4.59
CA SER A 2 23.94 0.76 -3.46
C SER A 2 22.48 0.95 -3.02
N THR A 3 22.11 0.25 -1.95
CA THR A 3 20.83 0.40 -1.26
C THR A 3 20.67 1.82 -0.70
N THR A 4 21.74 2.33 -0.11
CA THR A 4 21.72 3.65 0.52
C THR A 4 21.45 4.69 -0.54
N ALA A 5 22.22 4.67 -1.63
CA ALA A 5 22.01 5.59 -2.73
C ALA A 5 20.60 5.45 -3.29
N ASN A 6 20.17 4.20 -3.52
CA ASN A 6 18.80 3.95 -3.95
C ASN A 6 17.75 4.59 -3.04
N LYS A 7 17.91 4.46 -1.73
CA LYS A 7 16.94 5.11 -0.83
C LYS A 7 16.95 6.62 -0.97
N GLU A 8 18.14 7.20 -1.07
CA GLU A 8 18.27 8.64 -1.17
C GLU A 8 17.62 9.16 -2.46
N ARG A 9 17.71 8.34 -3.50
CA ARG A 9 17.10 8.66 -4.79
CA ARG A 9 17.10 8.70 -4.78
C ARG A 9 15.58 8.77 -4.63
N CYS A 10 15.01 7.83 -3.88
CA CYS A 10 13.58 7.79 -3.60
C CYS A 10 13.15 9.00 -2.80
N LEU A 11 13.98 9.44 -1.87
CA LEU A 11 13.69 10.70 -1.14
C LEU A 11 13.77 11.94 -2.04
N GLU A 12 14.64 11.87 -3.04
CA GLU A 12 14.78 12.96 -4.00
C GLU A 12 13.54 13.07 -4.89
N MSE A 13 12.98 11.92 -5.29
CA MSE A 13 11.75 11.94 -6.07
C MSE A 13 10.55 12.50 -5.28
O MSE A 13 9.73 13.22 -5.83
CB MSE A 13 11.41 10.53 -6.58
CG MSE A 13 12.38 10.03 -7.61
SE MSE A 13 12.07 8.13 -7.97
CE MSE A 13 13.64 7.42 -7.11
N VAL A 14 10.46 12.12 -4.01
CA VAL A 14 9.46 12.64 -3.08
C VAL A 14 9.67 14.14 -2.89
N ALA A 15 10.93 14.58 -2.88
CA ALA A 15 11.24 16.01 -2.74
C ALA A 15 10.76 16.76 -3.97
N ALA A 16 10.93 16.13 -5.15
CA ALA A 16 10.45 16.71 -6.41
C ALA A 16 8.92 16.77 -6.48
N TRP A 17 8.23 15.74 -5.96
CA TRP A 17 6.78 15.80 -5.86
C TRP A 17 6.39 16.96 -4.94
N ASN A 18 7.10 17.12 -3.83
CA ASN A 18 6.76 18.15 -2.86
C ASN A 18 6.91 19.59 -3.34
N ARG A 19 7.71 19.81 -4.39
CA ARG A 19 7.76 21.07 -5.15
C ARG A 19 6.90 21.01 -6.42
N TRP A 20 6.10 19.96 -6.58
CA TRP A 20 5.18 19.93 -7.70
C TRP A 20 5.97 19.93 -9.00
N ASP A 21 7.10 19.23 -8.97
CA ASP A 21 7.98 19.15 -10.15
C ASP A 21 8.03 17.72 -10.75
N VAL A 22 7.09 17.47 -11.65
CA VAL A 22 6.93 16.16 -12.29
C VAL A 22 8.14 15.69 -13.08
N SER A 23 8.78 16.59 -13.80
CA SER A 23 9.95 16.18 -14.57
C SER A 23 11.16 15.94 -13.67
N GLY A 24 11.17 16.52 -12.47
CA GLY A 24 12.19 16.18 -11.48
C GLY A 24 12.02 14.72 -11.02
N VAL A 25 10.78 14.27 -10.88
CA VAL A 25 10.57 12.84 -10.61
C VAL A 25 10.99 11.98 -11.79
N VAL A 26 10.40 12.24 -12.95
CA VAL A 26 10.71 11.47 -14.17
C VAL A 26 12.21 11.39 -14.50
N ALA A 27 12.99 12.37 -14.04
CA ALA A 27 14.46 12.38 -14.30
C ALA A 27 15.18 11.21 -13.63
N HIS A 28 14.50 10.56 -12.67
CA HIS A 28 15.05 9.36 -12.01
C HIS A 28 14.73 8.05 -12.74
N TRP A 29 13.96 8.11 -13.82
CA TRP A 29 13.58 6.87 -14.53
C TRP A 29 14.58 6.47 -15.60
N ALA A 30 14.85 5.19 -15.74
CA ALA A 30 15.53 4.70 -16.92
C ALA A 30 14.65 5.06 -18.13
N PRO A 31 15.24 5.15 -19.33
CA PRO A 31 14.31 5.48 -20.42
C PRO A 31 13.46 4.26 -20.86
N ASP A 32 13.87 3.06 -20.47
CA ASP A 32 13.10 1.82 -20.70
C ASP A 32 12.42 1.33 -19.40
N VAL A 33 12.09 2.27 -18.51
CA VAL A 33 11.38 1.95 -17.26
C VAL A 33 10.04 1.32 -17.62
N VAL A 34 9.64 0.30 -16.86
CA VAL A 34 8.29 -0.26 -16.97
C VAL A 34 7.47 0.11 -15.74
N HIS A 35 6.24 0.59 -15.96
CA HIS A 35 5.31 0.88 -14.86
C HIS A 35 4.23 -0.18 -14.76
N TYR A 36 3.96 -0.63 -13.55
CA TYR A 36 2.91 -1.63 -13.34
C TYR A 36 1.71 -1.19 -12.48
N ASP A 37 0.53 -1.70 -12.83
CA ASP A 37 -0.61 -1.88 -11.90
C ASP A 37 -0.23 -2.31 -10.47
N ASP A 38 -1.21 -2.32 -9.58
CA ASP A 38 -1.09 -3.05 -8.31
C ASP A 38 -1.07 -4.57 -8.59
N GLU A 39 -1.57 -4.97 -9.76
CA GLU A 39 -1.68 -6.37 -10.18
C GLU A 39 -0.68 -6.79 -11.29
N ASP A 40 0.49 -6.15 -11.33
CA ASP A 40 1.54 -6.46 -12.36
C ASP A 40 1.23 -6.31 -13.88
N LYS A 41 0.23 -5.51 -14.24
CA LYS A 41 0.06 -5.17 -15.66
C LYS A 41 0.78 -3.85 -16.07
N PRO A 42 1.52 -3.89 -17.20
CA PRO A 42 2.20 -2.70 -17.70
C PRO A 42 1.21 -1.59 -17.96
N VAL A 43 1.57 -0.38 -17.57
CA VAL A 43 0.80 0.82 -17.83
C VAL A 43 1.70 1.71 -18.68
N SER A 44 1.15 2.36 -19.69
CA SER A 44 1.97 3.20 -20.58
C SER A 44 2.57 4.42 -19.84
N ALA A 45 3.83 4.71 -20.14
CA ALA A 45 4.48 5.90 -19.61
C ALA A 45 3.62 7.16 -19.82
N GLU A 46 2.98 7.23 -20.99
CA GLU A 46 2.12 8.33 -21.39
C GLU A 46 1.05 8.57 -20.35
N GLU A 47 0.37 7.50 -19.92
CA GLU A 47 -0.70 7.62 -18.94
C GLU A 47 -0.20 7.93 -17.53
N VAL A 48 0.92 7.33 -17.14
CA VAL A 48 1.54 7.64 -15.86
C VAL A 48 1.87 9.15 -15.76
N VAL A 49 2.43 9.71 -16.81
CA VAL A 49 2.82 11.12 -16.79
C VAL A 49 1.60 12.03 -16.77
N ARG A 50 0.59 11.70 -17.55
CA ARG A 50 -0.69 12.41 -17.61
C ARG A 50 -1.35 12.54 -16.21
N ARG A 51 -1.38 11.42 -15.47
CA ARG A 51 -1.89 11.38 -14.11
C ARG A 51 -1.08 12.26 -13.16
N MSE A 52 0.23 12.17 -13.27
CA MSE A 52 1.12 13.03 -12.48
C MSE A 52 0.90 14.52 -12.80
O MSE A 52 0.71 15.31 -11.86
CB MSE A 52 2.56 12.64 -12.70
CG MSE A 52 2.85 11.22 -12.30
SE MSE A 52 4.70 10.81 -12.89
CE MSE A 52 5.67 11.76 -11.39
N ASN A 53 0.87 14.89 -14.07
CA ASN A 53 0.54 16.29 -14.43
C ASN A 53 -0.80 16.76 -13.89
N SER A 54 -1.81 15.91 -13.99
CA SER A 54 -3.14 16.27 -13.55
C SER A 54 -3.14 16.48 -12.04
N ALA A 55 -2.43 15.63 -11.29
CA ALA A 55 -2.35 15.81 -9.84
C ALA A 55 -1.76 17.16 -9.47
N VAL A 56 -0.71 17.59 -10.16
CA VAL A 56 -0.08 18.90 -9.91
C VAL A 56 -1.01 20.10 -10.16
N GLU A 57 -1.80 20.03 -11.23
CA GLU A 57 -2.81 21.01 -11.59
C GLU A 57 -4.00 20.99 -10.62
N ALA A 58 -4.35 19.80 -10.16
CA ALA A 58 -5.52 19.63 -9.33
C ALA A 58 -5.22 20.03 -7.89
N PHE A 59 -3.98 19.80 -7.44
CA PHE A 59 -3.65 19.86 -6.02
C PHE A 59 -2.50 20.81 -5.74
N PRO A 60 -2.78 22.12 -5.63
CA PRO A 60 -1.70 23.12 -5.46
C PRO A 60 -0.90 22.89 -4.19
N ASP A 61 -1.50 22.26 -3.18
CA ASP A 61 -0.82 22.05 -1.90
C ASP A 61 -0.48 20.58 -1.61
N LEU A 62 -0.41 19.75 -2.65
CA LEU A 62 -0.11 18.30 -2.47
C LEU A 62 1.12 18.10 -1.59
N ARG A 63 1.02 17.24 -0.60
CA ARG A 63 2.12 16.97 0.32
CA ARG A 63 2.14 16.96 0.28
C ARG A 63 2.30 15.47 0.46
N LEU A 64 3.49 14.97 0.27
CA LEU A 64 3.78 13.57 0.39
C LEU A 64 4.61 13.34 1.62
N ASP A 65 4.10 12.57 2.56
CA ASP A 65 4.80 12.38 3.83
C ASP A 65 5.34 10.96 3.91
N VAL A 66 6.65 10.79 3.77
CA VAL A 66 7.22 9.44 3.87
C VAL A 66 7.07 8.92 5.28
N ARG A 67 6.26 7.86 5.45
CA ARG A 67 5.99 7.27 6.77
C ARG A 67 6.92 6.13 7.09
N SER A 68 7.38 5.44 6.04
CA SER A 68 8.34 4.38 6.19
C SER A 68 9.02 4.05 4.86
N ILE A 69 10.25 3.54 4.93
CA ILE A 69 11.05 3.24 3.72
C ILE A 69 12.06 2.15 4.04
N VAL A 70 12.02 1.04 3.30
CA VAL A 70 13.02 0.00 3.47
C VAL A 70 13.63 -0.38 2.13
N GLY A 71 14.93 -0.60 2.13
CA GLY A 71 15.63 -1.07 0.92
C GLY A 71 16.42 -2.34 1.15
N GLU A 72 16.52 -3.16 0.10
CA GLU A 72 17.34 -4.34 0.09
C GLU A 72 17.71 -4.63 -1.36
N GLY A 73 18.96 -5.04 -1.62
CA GLY A 73 19.45 -5.26 -2.99
C GLY A 73 19.14 -4.07 -3.90
N ASP A 74 18.47 -4.32 -5.01
CA ASP A 74 18.10 -3.28 -5.94
C ASP A 74 16.67 -2.71 -5.74
N ARG A 75 15.97 -3.14 -4.69
CA ARG A 75 14.57 -2.74 -4.49
C ARG A 75 14.37 -1.78 -3.31
N VAL A 76 13.40 -0.90 -3.44
CA VAL A 76 12.97 -0.06 -2.33
C VAL A 76 11.44 -0.02 -2.29
N MSE A 77 10.87 -0.05 -1.08
CA MSE A 77 9.44 0.14 -0.93
C MSE A 77 9.19 1.30 0.01
O MSE A 77 9.94 1.52 0.96
CB MSE A 77 8.79 -1.14 -0.40
CG MSE A 77 8.76 -2.31 -1.37
SE MSE A 77 7.68 -3.79 -0.58
CE MSE A 77 8.36 -5.30 -1.60
N LEU A 78 8.13 2.08 -0.27
CA LEU A 78 7.75 3.20 0.59
C LEU A 78 6.27 3.19 0.93
N ARG A 79 5.96 3.66 2.12
CA ARG A 79 4.58 3.98 2.48
C ARG A 79 4.53 5.47 2.67
N ILE A 80 3.64 6.11 1.92
CA ILE A 80 3.54 7.55 1.87
C ILE A 80 2.09 7.98 2.10
N THR A 81 1.90 8.89 3.06
CA THR A 81 0.62 9.55 3.26
C THR A 81 0.56 10.82 2.40
N CYS A 82 -0.55 10.95 1.66
CA CYS A 82 -0.77 12.09 0.79
C CYS A 82 -1.92 12.95 1.29
N SER A 83 -1.81 14.26 1.14
CA SER A 83 -2.94 15.12 1.47
C SER A 83 -2.95 16.31 0.55
N ALA A 84 -4.13 16.86 0.31
CA ALA A 84 -4.24 17.96 -0.63
C ALA A 84 -5.62 18.57 -0.54
N THR A 85 -5.73 19.78 -1.08
CA THR A 85 -6.99 20.42 -1.28
C THR A 85 -7.27 20.37 -2.75
N HIS A 86 -8.46 19.91 -3.09
CA HIS A 86 -8.82 19.73 -4.48
C HIS A 86 -9.32 21.05 -5.08
N GLN A 87 -8.42 21.77 -5.76
CA GLN A 87 -8.71 23.11 -6.25
C GLN A 87 -8.65 23.28 -7.75
N GLY A 88 -7.97 22.36 -8.46
CA GLY A 88 -8.01 22.33 -9.94
C GLY A 88 -8.67 21.05 -10.47
N VAL A 89 -8.95 20.99 -11.78
CA VAL A 89 -9.51 19.81 -12.40
C VAL A 89 -8.60 18.60 -12.16
N PHE A 90 -9.16 17.47 -11.76
CA PHE A 90 -8.35 16.23 -11.73
C PHE A 90 -8.95 15.15 -12.61
N MSE A 91 -8.21 14.73 -13.64
CA MSE A 91 -8.70 13.78 -14.65
C MSE A 91 -10.14 14.04 -15.08
O MSE A 91 -10.96 13.12 -15.05
CB MSE A 91 -8.59 12.33 -14.15
CG MSE A 91 -7.20 11.93 -13.63
SE MSE A 91 -5.78 11.93 -15.04
CE MSE A 91 -6.61 10.58 -16.39
N GLY A 92 -10.47 15.27 -15.48
CA GLY A 92 -11.85 15.62 -15.88
C GLY A 92 -12.80 15.96 -14.71
N ILE A 93 -12.39 15.67 -13.46
CA ILE A 93 -13.24 15.96 -12.32
C ILE A 93 -13.07 17.41 -11.87
N ALA A 94 -14.17 18.13 -11.96
CA ALA A 94 -14.26 19.51 -11.53
C ALA A 94 -13.86 19.61 -10.04
N PRO A 95 -13.11 20.66 -9.67
CA PRO A 95 -12.60 20.82 -8.31
C PRO A 95 -13.73 20.92 -7.29
N THR A 96 -13.60 20.19 -6.18
CA THR A 96 -14.66 20.11 -5.13
C THR A 96 -14.38 21.00 -3.92
N GLY A 97 -13.11 21.38 -3.72
CA GLY A 97 -12.71 22.22 -2.60
C GLY A 97 -12.41 21.41 -1.36
N ARG A 98 -12.59 20.10 -1.43
CA ARG A 98 -12.42 19.28 -0.25
C ARG A 98 -10.98 18.93 0.08
N LYS A 99 -10.72 18.75 1.37
CA LYS A 99 -9.45 18.26 1.85
C LYS A 99 -9.47 16.74 1.61
N VAL A 100 -8.49 16.25 0.87
CA VAL A 100 -8.42 14.83 0.52
C VAL A 100 -7.11 14.19 0.99
N ARG A 101 -7.23 12.95 1.48
CA ARG A 101 -6.10 12.16 1.98
C ARG A 101 -6.21 10.73 1.46
N TRP A 102 -5.07 10.15 1.15
CA TRP A 102 -4.99 8.74 0.87
C TRP A 102 -3.60 8.26 1.20
N THR A 103 -3.43 6.94 1.21
CA THR A 103 -2.15 6.33 1.44
C THR A 103 -1.64 5.72 0.11
N TYR A 104 -0.39 5.98 -0.16
CA TYR A 104 0.21 5.62 -1.42
C TYR A 104 1.47 4.77 -1.17
N LEU A 105 1.49 3.60 -1.81
CA LEU A 105 2.52 2.62 -1.55
C LEU A 105 3.29 2.32 -2.84
N GLU A 106 4.61 2.41 -2.78
CA GLU A 106 5.48 2.32 -3.95
C GLU A 106 6.51 1.20 -3.84
N GLU A 107 6.66 0.38 -4.86
CA GLU A 107 7.85 -0.44 -4.99
C GLU A 107 8.65 -0.04 -6.23
N LEU A 108 9.94 0.25 -6.04
CA LEU A 108 10.86 0.55 -7.13
C LEU A 108 11.99 -0.47 -7.21
N ARG A 109 12.40 -0.83 -8.43
CA ARG A 109 13.63 -1.56 -8.67
C ARG A 109 14.59 -0.65 -9.41
N PHE A 110 15.87 -0.69 -9.06
CA PHE A 110 16.88 0.22 -9.60
C PHE A 110 17.96 -0.51 -10.36
N SER A 111 18.45 0.09 -11.44
CA SER A 111 19.57 -0.46 -12.18
C SER A 111 20.87 -0.22 -11.40
N GLU A 112 21.94 -0.93 -11.75
CA GLU A 112 23.24 -0.75 -11.09
C GLU A 112 23.64 0.73 -11.14
N ALA A 113 23.42 1.36 -12.30
CA ALA A 113 23.60 2.80 -12.49
C ALA A 113 22.68 3.72 -11.64
N GLY A 114 21.67 3.15 -10.99
CA GLY A 114 20.85 3.95 -10.06
C GLY A 114 19.64 4.64 -10.66
N LYS A 115 19.17 4.15 -11.80
CA LYS A 115 17.93 4.68 -12.38
C LYS A 115 16.77 3.69 -12.20
N VAL A 116 15.55 4.19 -12.05
CA VAL A 116 14.37 3.29 -11.88
C VAL A 116 14.06 2.48 -13.14
N VAL A 117 14.14 1.15 -13.04
CA VAL A 117 13.82 0.28 -14.20
C VAL A 117 12.41 -0.31 -14.12
N GLU A 118 11.87 -0.39 -12.90
CA GLU A 118 10.56 -0.99 -12.64
C GLU A 118 9.87 -0.30 -11.47
N HIS A 119 8.58 -0.03 -11.62
CA HIS A 119 7.81 0.72 -10.62
C HIS A 119 6.39 0.15 -10.44
N TRP A 120 6.00 -0.12 -9.20
CA TRP A 120 4.64 -0.55 -8.90
C TRP A 120 3.95 0.41 -7.93
N ASP A 121 2.71 0.78 -8.24
CA ASP A 121 1.89 1.68 -7.41
CA ASP A 121 1.94 1.65 -7.36
C ASP A 121 0.79 0.88 -6.75
N VAL A 122 0.65 1.02 -5.43
CA VAL A 122 -0.47 0.45 -4.70
C VAL A 122 -1.12 1.57 -3.91
N PHE A 123 -2.45 1.60 -3.85
CA PHE A 123 -3.14 2.63 -3.11
C PHE A 123 -3.95 2.00 -1.99
N ASN A 124 -3.95 2.68 -0.84
CA ASN A 124 -4.98 2.43 0.14
C ASN A 124 -5.85 3.67 0.41
N PHE A 125 -7.14 3.48 0.29
CA PHE A 125 -8.10 4.58 0.27
C PHE A 125 -8.92 4.73 1.54
N SER A 126 -8.61 3.95 2.58
CA SER A 126 -9.22 4.18 3.92
C SER A 126 -9.33 5.66 4.32
N PRO A 127 -8.20 6.41 4.29
CA PRO A 127 -8.26 7.83 4.70
C PRO A 127 -9.23 8.67 3.88
N LEU A 128 -9.40 8.33 2.60
CA LEU A 128 -10.34 9.04 1.73
C LEU A 128 -11.79 8.87 2.15
N PHE A 129 -12.15 7.66 2.60
CA PHE A 129 -13.54 7.36 2.86
C PHE A 129 -13.89 7.50 4.35
N ARG A 130 -12.87 7.53 5.20
CA ARG A 130 -13.07 7.92 6.59
C ARG A 130 -13.53 9.40 6.66
N ASP A 131 -12.82 10.28 5.94
CA ASP A 131 -13.17 11.70 5.78
C ASP A 131 -14.48 11.92 5.02
N LEU A 132 -14.39 11.86 3.69
CA LEU A 132 -15.48 12.19 2.76
C LEU A 132 -16.69 11.31 2.96
N GLY A 133 -16.54 10.31 3.82
CA GLY A 133 -17.66 9.52 4.32
C GLY A 133 -18.41 8.72 3.28
N VAL A 134 -17.69 8.24 2.25
CA VAL A 134 -18.26 7.35 1.22
C VAL A 134 -19.25 8.08 0.27
N VAL A 135 -18.95 9.35 -0.02
CA VAL A 135 -19.82 10.14 -0.90
C VAL A 135 -19.44 9.87 -2.38
N PRO A 136 -20.33 10.25 -3.34
CA PRO A 136 -19.99 10.17 -4.78
C PRO A 136 -18.60 10.72 -5.09
N ASP A 137 -18.24 11.85 -4.47
CA ASP A 137 -16.94 12.47 -4.66
C ASP A 137 -15.76 11.53 -4.36
N GLY A 138 -15.84 10.81 -3.24
CA GLY A 138 -14.80 9.89 -2.83
C GLY A 138 -14.60 8.84 -3.88
N LEU A 139 -15.72 8.31 -4.37
CA LEU A 139 -15.70 7.25 -5.38
C LEU A 139 -15.01 7.70 -6.66
N LYS A 140 -15.38 8.89 -7.16
CA LYS A 140 -14.84 9.42 -8.41
C LYS A 140 -13.34 9.71 -8.29
N LEU A 141 -12.95 10.25 -7.15
CA LEU A 141 -11.56 10.59 -6.94
C LEU A 141 -10.67 9.36 -6.77
N ALA A 142 -11.15 8.39 -5.99
CA ALA A 142 -10.44 7.13 -5.83
C ALA A 142 -10.29 6.42 -7.17
N ALA A 143 -11.34 6.49 -8.00
CA ALA A 143 -11.27 5.81 -9.29
C ALA A 143 -10.29 6.49 -10.25
N ALA A 144 -10.08 7.80 -10.08
CA ALA A 144 -9.23 8.57 -10.97
C ALA A 144 -7.77 8.59 -10.53
N LEU A 145 -7.52 8.32 -9.26
CA LEU A 145 -6.17 8.22 -8.78
C LEU A 145 -5.49 6.94 -9.17
N GLU A 146 -6.26 5.93 -9.52
CA GLU A 146 -5.68 4.63 -9.89
C GLU A 146 -5.89 4.15 -11.34
N HIS A 147 -5.13 3.13 -11.75
CA HIS A 147 -5.21 2.53 -13.09
C HIS A 147 -6.38 1.53 -13.24
N SER B 2 19.81 -12.23 10.17
CA SER B 2 18.54 -12.01 10.93
C SER B 2 17.52 -11.15 10.16
N THR B 3 17.99 -10.43 9.14
CA THR B 3 17.10 -9.98 8.09
C THR B 3 16.46 -11.23 7.44
N THR B 4 17.30 -12.21 7.08
CA THR B 4 16.86 -13.45 6.45
C THR B 4 15.77 -14.12 7.27
N ALA B 5 16.00 -14.21 8.58
CA ALA B 5 15.03 -14.85 9.49
C ALA B 5 13.69 -14.10 9.62
N ASN B 6 13.73 -12.77 9.70
CA ASN B 6 12.49 -11.97 9.70
C ASN B 6 11.63 -12.19 8.44
N LYS B 7 12.30 -12.19 7.29
CA LYS B 7 11.64 -12.46 6.03
C LYS B 7 11.00 -13.83 6.07
N GLU B 8 11.73 -14.81 6.61
CA GLU B 8 11.23 -16.17 6.73
CA GLU B 8 11.21 -16.15 6.71
C GLU B 8 10.05 -16.23 7.70
N ARG B 9 10.09 -15.41 8.73
CA ARG B 9 8.94 -15.40 9.65
C ARG B 9 7.69 -14.86 8.94
N CYS B 10 7.88 -13.83 8.10
CA CYS B 10 6.79 -13.24 7.32
C CYS B 10 6.16 -14.25 6.39
N LEU B 11 6.99 -15.10 5.79
CA LEU B 11 6.46 -16.16 4.93
C LEU B 11 5.66 -17.23 5.69
N GLU B 12 6.04 -17.51 6.93
CA GLU B 12 5.26 -18.45 7.74
C GLU B 12 3.91 -17.83 8.09
N MSE B 13 3.87 -16.52 8.31
CA MSE B 13 2.62 -15.85 8.61
C MSE B 13 1.64 -15.87 7.45
O MSE B 13 0.45 -16.12 7.65
CB MSE B 13 2.90 -14.43 9.07
CG MSE B 13 3.54 -14.35 10.43
SE MSE B 13 3.89 -12.48 10.98
CE MSE B 13 5.57 -12.30 10.14
N VAL B 14 2.12 -15.58 6.26
CA VAL B 14 1.33 -15.69 5.02
C VAL B 14 0.85 -17.15 4.81
N ALA B 15 1.74 -18.13 5.00
CA ALA B 15 1.31 -19.54 4.88
C ALA B 15 0.17 -19.84 5.89
N ALA B 16 0.25 -19.24 7.09
CA ALA B 16 -0.80 -19.42 8.09
C ALA B 16 -2.14 -18.83 7.66
N TRP B 17 -2.09 -17.62 7.07
CA TRP B 17 -3.26 -17.02 6.45
C TRP B 17 -3.81 -17.95 5.39
N ASN B 18 -2.93 -18.56 4.61
CA ASN B 18 -3.39 -19.47 3.54
C ASN B 18 -3.89 -20.81 4.02
N ARG B 19 -3.63 -21.14 5.28
CA ARG B 19 -4.24 -22.31 5.88
C ARG B 19 -5.55 -21.94 6.56
N TRP B 20 -5.93 -20.66 6.45
CA TRP B 20 -7.12 -20.08 7.07
C TRP B 20 -7.04 -20.20 8.60
N ASP B 21 -5.82 -20.12 9.12
CA ASP B 21 -5.50 -20.33 10.53
C ASP B 21 -4.99 -19.04 11.22
N VAL B 22 -5.92 -18.24 11.71
CA VAL B 22 -5.64 -16.97 12.34
C VAL B 22 -4.72 -17.06 13.59
N SER B 23 -4.88 -18.11 14.40
CA SER B 23 -3.97 -18.26 15.54
C SER B 23 -2.54 -18.64 15.13
N GLY B 24 -2.38 -19.27 13.96
CA GLY B 24 -1.05 -19.50 13.39
C GLY B 24 -0.32 -18.20 13.08
N VAL B 25 -1.06 -17.15 12.75
CA VAL B 25 -0.51 -15.82 12.50
C VAL B 25 -0.21 -15.17 13.85
N VAL B 26 -1.19 -15.14 14.74
CA VAL B 26 -1.04 -14.50 16.04
C VAL B 26 0.15 -15.08 16.82
N ALA B 27 0.40 -16.39 16.64
CA ALA B 27 1.52 -17.07 17.31
C ALA B 27 2.86 -16.37 17.09
N HIS B 28 2.99 -15.63 16.00
CA HIS B 28 4.22 -14.89 15.70
C HIS B 28 4.33 -13.55 16.43
N TRP B 29 3.26 -13.12 17.10
CA TRP B 29 3.25 -11.84 17.79
C TRP B 29 4.05 -11.91 19.09
N ALA B 30 4.72 -10.83 19.48
CA ALA B 30 5.32 -10.79 20.81
C ALA B 30 4.20 -10.51 21.81
N PRO B 31 4.39 -10.93 23.08
CA PRO B 31 3.41 -10.58 24.12
C PRO B 31 2.95 -9.12 24.10
N ASP B 32 3.85 -8.18 23.83
CA ASP B 32 3.50 -6.76 23.88
C ASP B 32 3.50 -6.02 22.53
N VAL B 33 3.15 -6.75 21.47
CA VAL B 33 2.91 -6.18 20.14
C VAL B 33 2.09 -4.91 20.18
N VAL B 34 2.45 -3.96 19.32
CA VAL B 34 1.65 -2.77 19.10
C VAL B 34 1.15 -2.82 17.65
N HIS B 35 -0.16 -2.62 17.48
CA HIS B 35 -0.78 -2.54 16.17
C HIS B 35 -1.23 -1.12 15.86
N TYR B 36 -0.75 -0.55 14.77
CA TYR B 36 -1.13 0.81 14.39
C TYR B 36 -2.07 0.80 13.20
N ASP B 37 -3.02 1.73 13.20
CA ASP B 37 -3.87 1.97 12.05
C ASP B 37 -3.16 3.01 11.15
N ASP B 38 -3.87 3.58 10.17
CA ASP B 38 -3.32 4.55 9.22
CA ASP B 38 -3.22 4.50 9.24
C ASP B 38 -2.70 5.76 9.93
N GLU B 39 -3.38 6.21 10.99
CA GLU B 39 -2.98 7.43 11.72
C GLU B 39 -2.01 7.19 12.88
N ASP B 40 -1.36 6.02 12.92
CA ASP B 40 -0.48 5.65 14.05
C ASP B 40 -1.21 5.53 15.41
N LYS B 41 -2.53 5.36 15.39
CA LYS B 41 -3.30 5.18 16.62
C LYS B 41 -3.31 3.69 16.98
N PRO B 42 -2.85 3.34 18.19
CA PRO B 42 -2.83 1.93 18.57
C PRO B 42 -4.22 1.30 18.49
N VAL B 43 -4.26 0.05 18.10
CA VAL B 43 -5.49 -0.72 18.06
C VAL B 43 -5.26 -1.93 18.97
N SER B 44 -6.33 -2.44 19.57
CA SER B 44 -6.23 -3.64 20.40
C SER B 44 -6.11 -4.91 19.56
N ALA B 45 -5.25 -5.83 20.03
CA ALA B 45 -5.17 -7.19 19.51
C ALA B 45 -6.55 -7.82 19.24
N GLU B 46 -7.51 -7.56 20.12
CA GLU B 46 -8.86 -8.14 19.99
C GLU B 46 -9.60 -7.63 18.73
N GLU B 47 -9.50 -6.34 18.47
CA GLU B 47 -10.10 -5.73 17.28
C GLU B 47 -9.45 -6.28 15.99
N VAL B 48 -8.15 -6.49 16.02
CA VAL B 48 -7.42 -7.06 14.89
C VAL B 48 -7.85 -8.51 14.59
N VAL B 49 -7.95 -9.31 15.65
CA VAL B 49 -8.29 -10.74 15.55
C VAL B 49 -9.74 -10.89 15.10
N ARG B 50 -10.60 -10.03 15.63
CA ARG B 50 -12.00 -9.99 15.20
C ARG B 50 -12.07 -9.82 13.68
N ARG B 51 -11.27 -8.90 13.15
CA ARG B 51 -11.29 -8.59 11.75
C ARG B 51 -10.64 -9.68 10.88
N MSE B 52 -9.62 -10.32 11.40
CA MSE B 52 -9.02 -11.39 10.63
C MSE B 52 -10.00 -12.52 10.55
O MSE B 52 -10.21 -13.08 9.48
CB MSE B 52 -7.70 -11.85 11.25
CG MSE B 52 -6.60 -10.84 11.19
SE MSE B 52 -5.06 -11.37 12.27
CE MSE B 52 -5.70 -11.12 13.90
N ASN B 53 -10.64 -12.82 11.69
CA ASN B 53 -11.68 -13.85 11.77
C ASN B 53 -12.82 -13.62 10.78
N SER B 54 -13.29 -12.38 10.66
CA SER B 54 -14.36 -12.04 9.72
C SER B 54 -13.92 -12.29 8.28
N ALA B 55 -12.72 -11.84 7.94
CA ALA B 55 -12.15 -12.02 6.59
C ALA B 55 -12.07 -13.50 6.19
N VAL B 56 -11.50 -14.30 7.09
CA VAL B 56 -11.40 -15.73 6.87
C VAL B 56 -12.79 -16.38 6.72
N GLU B 57 -13.75 -15.92 7.50
CA GLU B 57 -15.13 -16.41 7.43
C GLU B 57 -15.80 -15.99 6.10
N ALA B 58 -15.73 -14.70 5.75
CA ALA B 58 -16.36 -14.15 4.54
C ALA B 58 -15.73 -14.58 3.19
N PHE B 59 -14.42 -14.81 3.21
CA PHE B 59 -13.64 -15.13 2.03
C PHE B 59 -12.98 -16.47 2.26
N PRO B 60 -13.78 -17.56 2.28
CA PRO B 60 -13.28 -18.84 2.78
C PRO B 60 -12.19 -19.46 1.91
N ASP B 61 -12.05 -19.01 0.67
CA ASP B 61 -11.03 -19.55 -0.27
C ASP B 61 -9.91 -18.51 -0.45
N LEU B 62 -9.71 -17.72 0.56
CA LEU B 62 -8.78 -16.64 0.51
C LEU B 62 -7.39 -17.15 0.22
N ARG B 63 -6.69 -16.48 -0.66
CA ARG B 63 -5.31 -16.85 -1.04
C ARG B 63 -4.42 -15.63 -1.10
N LEU B 64 -3.37 -15.59 -0.28
CA LEU B 64 -2.36 -14.49 -0.36
C LEU B 64 -1.12 -14.89 -1.16
N ASP B 65 -0.68 -14.00 -2.03
CA ASP B 65 0.48 -14.22 -2.86
C ASP B 65 1.47 -13.09 -2.65
N VAL B 66 2.64 -13.46 -2.15
CA VAL B 66 3.72 -12.53 -1.93
C VAL B 66 4.38 -12.17 -3.25
N ARG B 67 4.32 -10.90 -3.63
CA ARG B 67 4.90 -10.47 -4.91
C ARG B 67 6.34 -10.00 -4.75
N SER B 68 6.66 -9.39 -3.62
CA SER B 68 8.03 -9.22 -3.18
C SER B 68 8.10 -8.80 -1.75
N ILE B 69 9.31 -8.88 -1.23
CA ILE B 69 9.52 -8.77 0.19
C ILE B 69 10.88 -8.13 0.29
N VAL B 70 11.02 -7.16 1.19
CA VAL B 70 12.29 -6.52 1.49
C VAL B 70 12.52 -6.43 2.99
N GLY B 71 13.76 -6.69 3.41
CA GLY B 71 14.14 -6.59 4.81
C GLY B 71 15.27 -5.61 5.00
N GLU B 72 15.20 -4.84 6.09
CA GLU B 72 16.29 -3.95 6.46
C GLU B 72 16.30 -3.80 7.97
N GLY B 73 17.46 -4.07 8.57
CA GLY B 73 17.57 -4.05 10.02
C GLY B 73 16.54 -4.96 10.66
N ASP B 74 15.62 -4.36 11.41
CA ASP B 74 14.60 -5.12 12.10
C ASP B 74 13.24 -5.02 11.40
N ARG B 75 13.23 -4.34 10.26
CA ARG B 75 12.01 -4.11 9.52
C ARG B 75 11.85 -5.02 8.29
N VAL B 76 10.60 -5.38 7.98
CA VAL B 76 10.24 -6.04 6.73
C VAL B 76 9.01 -5.37 6.12
N MSE B 77 9.04 -5.15 4.80
CA MSE B 77 7.81 -4.81 4.06
C MSE B 77 7.48 -5.87 3.02
O MSE B 77 8.38 -6.38 2.37
CB MSE B 77 7.91 -3.42 3.42
CG MSE B 77 8.00 -2.27 4.42
SE MSE B 77 7.75 -0.49 3.61
CE MSE B 77 9.07 0.45 4.34
N LEU B 78 6.19 -6.17 2.83
CA LEU B 78 5.81 -7.06 1.71
C LEU B 78 4.67 -6.53 0.87
N ARG B 79 4.76 -6.76 -0.45
CA ARG B 79 3.67 -6.46 -1.37
C ARG B 79 2.87 -7.74 -1.64
N ILE B 80 1.64 -7.77 -1.12
CA ILE B 80 0.77 -8.93 -1.20
C ILE B 80 -0.52 -8.69 -2.01
N THR B 81 -0.84 -9.65 -2.86
CA THR B 81 -2.06 -9.68 -3.63
C THR B 81 -2.96 -10.80 -3.07
N CYS B 82 -4.20 -10.43 -2.77
CA CYS B 82 -5.17 -11.35 -2.20
CA CYS B 82 -5.18 -11.33 -2.21
C CYS B 82 -6.24 -11.64 -3.24
N SER B 83 -6.72 -12.86 -3.27
CA SER B 83 -7.81 -13.17 -4.17
C SER B 83 -8.71 -14.14 -3.45
N ALA B 84 -10.02 -14.06 -3.72
CA ALA B 84 -11.00 -14.84 -2.98
C ALA B 84 -12.33 -14.75 -3.70
N THR B 85 -13.31 -15.53 -3.28
CA THR B 85 -14.66 -15.27 -3.73
C THR B 85 -15.43 -14.75 -2.52
N HIS B 86 -16.28 -13.76 -2.75
CA HIS B 86 -17.02 -13.14 -1.70
C HIS B 86 -18.25 -14.00 -1.36
N GLN B 87 -18.11 -14.83 -0.31
CA GLN B 87 -19.12 -15.81 0.08
C GLN B 87 -19.98 -15.42 1.28
N GLY B 88 -19.38 -14.75 2.27
CA GLY B 88 -20.06 -14.36 3.49
C GLY B 88 -20.31 -12.87 3.58
N VAL B 89 -21.19 -12.48 4.50
CA VAL B 89 -21.38 -11.06 4.78
C VAL B 89 -20.05 -10.57 5.30
N PHE B 90 -19.56 -9.47 4.79
CA PHE B 90 -18.33 -8.89 5.33
C PHE B 90 -18.59 -7.46 5.75
N MSE B 91 -18.37 -7.17 7.03
CA MSE B 91 -18.62 -5.81 7.56
C MSE B 91 -19.92 -5.23 6.99
O MSE B 91 -19.92 -4.13 6.41
CB MSE B 91 -17.46 -4.85 7.25
CG MSE B 91 -16.11 -5.32 7.71
SE MSE B 91 -14.66 -4.01 7.43
CE MSE B 91 -14.88 -3.45 5.36
N GLY B 92 -21.00 -6.00 7.13
CA GLY B 92 -22.32 -5.59 6.68
C GLY B 92 -22.55 -5.60 5.18
N ILE B 93 -21.59 -6.12 4.42
CA ILE B 93 -21.75 -6.18 2.97
C ILE B 93 -22.12 -7.60 2.55
N ALA B 94 -23.36 -7.76 2.11
CA ALA B 94 -23.91 -9.06 1.67
C ALA B 94 -23.07 -9.64 0.52
N PRO B 95 -22.89 -10.98 0.49
CA PRO B 95 -22.01 -11.61 -0.51
C PRO B 95 -22.50 -11.54 -1.96
N THR B 96 -21.55 -11.54 -2.90
CA THR B 96 -21.87 -11.42 -4.32
C THR B 96 -21.51 -12.67 -5.06
N GLY B 97 -20.72 -13.54 -4.42
CA GLY B 97 -20.16 -14.74 -5.03
C GLY B 97 -19.08 -14.46 -6.07
N ARG B 98 -18.69 -13.20 -6.23
CA ARG B 98 -17.70 -12.91 -7.23
C ARG B 98 -16.28 -13.17 -6.77
N LYS B 99 -15.42 -13.46 -7.75
CA LYS B 99 -13.98 -13.39 -7.58
C LYS B 99 -13.60 -11.95 -7.27
N VAL B 100 -12.91 -11.74 -6.16
CA VAL B 100 -12.46 -10.41 -5.79
C VAL B 100 -10.94 -10.38 -5.59
N ARG B 101 -10.36 -9.18 -5.71
CA ARG B 101 -8.91 -9.05 -5.77
C ARG B 101 -8.48 -7.74 -5.15
N TRP B 102 -7.51 -7.77 -4.26
CA TRP B 102 -6.90 -6.54 -3.77
C TRP B 102 -5.45 -6.75 -3.37
N THR B 103 -4.67 -5.66 -3.33
CA THR B 103 -3.26 -5.67 -3.03
C THR B 103 -2.97 -4.72 -1.86
N TYR B 104 -1.97 -5.02 -1.03
CA TYR B 104 -1.56 -4.14 0.06
C TYR B 104 -0.12 -4.44 0.40
N LEU B 105 0.50 -3.57 1.19
CA LEU B 105 1.89 -3.75 1.61
C LEU B 105 1.91 -3.87 3.11
N GLU B 106 2.34 -5.02 3.64
CA GLU B 106 2.50 -5.17 5.07
C GLU B 106 3.82 -4.56 5.50
N GLU B 107 3.83 -4.04 6.73
CA GLU B 107 4.99 -3.36 7.26
C GLU B 107 5.13 -3.76 8.73
N LEU B 108 6.22 -4.44 9.05
CA LEU B 108 6.41 -4.98 10.41
C LEU B 108 7.82 -4.76 10.94
N ARG B 109 7.94 -4.69 12.26
CA ARG B 109 9.26 -4.66 12.92
C ARG B 109 9.34 -5.84 13.86
N PHE B 110 10.49 -6.51 13.86
CA PHE B 110 10.71 -7.68 14.72
C PHE B 110 11.72 -7.43 15.87
N SER B 111 11.42 -8.02 17.03
CA SER B 111 12.38 -8.20 18.11
C SER B 111 13.52 -9.09 17.64
N GLU B 112 14.56 -9.24 18.49
CA GLU B 112 15.75 -9.99 18.10
C GLU B 112 15.44 -11.49 17.97
N ALA B 113 14.48 -11.94 18.76
CA ALA B 113 14.07 -13.34 18.78
C ALA B 113 13.10 -13.69 17.64
N GLY B 114 12.82 -12.73 16.77
CA GLY B 114 12.00 -12.97 15.58
C GLY B 114 10.50 -12.85 15.78
N LYS B 115 10.07 -12.10 16.78
CA LYS B 115 8.65 -11.90 17.03
C LYS B 115 8.25 -10.52 16.60
N VAL B 116 7.05 -10.41 16.00
CA VAL B 116 6.51 -9.10 15.65
C VAL B 116 6.36 -8.27 16.93
N VAL B 117 6.86 -7.05 16.91
CA VAL B 117 6.68 -6.10 18.03
C VAL B 117 5.91 -4.84 17.57
N GLU B 118 5.87 -4.59 16.27
CA GLU B 118 5.11 -3.44 15.71
C GLU B 118 4.62 -3.75 14.31
N HIS B 119 3.36 -3.43 14.05
CA HIS B 119 2.73 -3.74 12.76
C HIS B 119 1.93 -2.50 12.39
N TRP B 120 2.22 -1.92 11.21
CA TRP B 120 1.64 -0.63 10.82
C TRP B 120 0.59 -0.77 9.74
N ASP B 121 -0.37 0.16 9.77
CA ASP B 121 -1.50 0.18 8.86
C ASP B 121 -2.12 -1.22 8.83
N VAL B 122 -2.49 -1.66 10.02
CA VAL B 122 -2.77 -3.05 10.32
C VAL B 122 -4.03 -3.57 9.68
N PHE B 123 -4.96 -2.68 9.34
CA PHE B 123 -6.20 -3.08 8.68
C PHE B 123 -6.07 -3.07 7.17
N ASN B 124 -4.84 -2.93 6.70
CA ASN B 124 -4.60 -2.86 5.26
C ASN B 124 -4.97 -4.15 4.51
N PHE B 125 -4.80 -5.30 5.14
CA PHE B 125 -5.27 -6.56 4.55
C PHE B 125 -6.78 -6.57 4.29
N SER B 126 -7.54 -5.70 4.96
CA SER B 126 -9.00 -5.76 4.88
C SER B 126 -9.54 -4.97 3.68
N PRO B 127 -10.22 -5.66 2.74
CA PRO B 127 -10.70 -5.04 1.50
C PRO B 127 -11.77 -3.99 1.81
N LEU B 128 -11.79 -2.89 1.08
CA LEU B 128 -12.88 -1.91 1.19
C LEU B 128 -14.09 -2.36 0.37
N PHE B 129 -15.21 -1.69 0.55
CA PHE B 129 -16.42 -1.99 -0.21
C PHE B 129 -16.18 -1.83 -1.72
N ARG B 130 -15.33 -0.89 -2.10
CA ARG B 130 -15.03 -0.66 -3.51
CA ARG B 130 -15.05 -0.68 -3.52
C ARG B 130 -14.20 -1.79 -4.12
N ASP B 131 -13.43 -2.51 -3.28
CA ASP B 131 -12.64 -3.65 -3.77
C ASP B 131 -13.60 -4.80 -4.02
N LEU B 132 -14.78 -4.69 -3.40
CA LEU B 132 -15.82 -5.72 -3.51
C LEU B 132 -16.89 -5.31 -4.51
N GLY B 133 -16.83 -4.07 -4.98
CA GLY B 133 -17.71 -3.61 -6.04
C GLY B 133 -19.16 -3.49 -5.61
N VAL B 134 -19.39 -2.99 -4.40
CA VAL B 134 -20.74 -2.68 -3.92
C VAL B 134 -20.89 -1.19 -3.54
#